data_8U07
#
_entry.id   8U07
#
_cell.length_a   54.588
_cell.length_b   111.529
_cell.length_c   67.695
_cell.angle_alpha   90.000
_cell.angle_beta   108.467
_cell.angle_gamma   90.000
#
_symmetry.space_group_name_H-M   'P 1 21 1'
#
loop_
_entity.id
_entity.type
_entity.pdbx_description
1 polymer RedE
2 non-polymer 1,2-ETHANEDIOL
3 non-polymer 'Arcyriaflavin A'
4 non-polymer 'NADP NICOTINAMIDE-ADENINE-DINUCLEOTIDE PHOSPHATE'
5 non-polymer 'CHLORIDE ION'
6 non-polymer 'SODIUM ION'
7 non-polymer 'IODIDE ION'
8 non-polymer 2-AMINO-2-HYDROXYMETHYL-PROPANE-1,3-DIOL
9 water water
#
_entity_poly.entity_id   1
_entity_poly.type   'polypeptide(L)'
_entity_poly.pdbx_seq_one_letter_code
;MGSSHHHHHHSSGLVPRGSHMGAKVTVLGLGPMGAALAGAFLAAGHRTTVWNRTPGKGGSLAGEGATEVASAAEAVAASP
LVVVCLATYEAVHEVLDPLADELAGRTVVNLTSGSPVHARETANWAQQHGAEYLDGVIMTTPSGIGKPDYLLLYSGSQAA
FDGSRGTLCALGEPMNLGTDAAMASVYDTALLGLMWGTLTGWLHGVALMGADGPGGNVTATAFTEVANRWMKTVGVFMNT
YAPHVDAGHYPGDEFTLHLHHRTMNILAHASELRGVVSGLPELLTELTGRAITAGHGNDSYARLVEFIRKDGSPI
;
_entity_poly.pdbx_strand_id   A,B
#
# COMPACT_ATOMS: atom_id res chain seq x y z
N ALA A 23 -28.73 -6.73 22.35
CA ALA A 23 -29.44 -7.19 21.18
C ALA A 23 -29.26 -8.70 21.00
N LYS A 24 -30.27 -9.34 20.43
CA LYS A 24 -30.24 -10.78 20.20
C LYS A 24 -29.65 -11.07 18.83
N VAL A 25 -28.59 -11.87 18.80
CA VAL A 25 -27.96 -12.24 17.54
C VAL A 25 -27.68 -13.74 17.57
N THR A 26 -27.86 -14.38 16.42
CA THR A 26 -27.54 -15.78 16.21
C THR A 26 -26.36 -15.90 15.25
N VAL A 27 -25.43 -16.81 15.56
CA VAL A 27 -24.35 -17.16 14.63
C VAL A 27 -24.56 -18.60 14.20
N LEU A 28 -24.62 -18.82 12.88
CA LEU A 28 -24.62 -20.16 12.30
C LEU A 28 -23.23 -20.42 11.74
N GLY A 29 -22.50 -21.35 12.34
CA GLY A 29 -21.18 -21.71 11.90
C GLY A 29 -20.13 -21.43 12.97
N LEU A 30 -19.52 -22.49 13.51
CA LEU A 30 -18.55 -22.35 14.59
C LEU A 30 -17.19 -22.91 14.20
N GLY A 31 -16.85 -22.84 12.92
CA GLY A 31 -15.48 -22.99 12.49
C GLY A 31 -14.66 -21.87 13.08
N PRO A 32 -13.37 -21.82 12.74
CA PRO A 32 -12.51 -20.77 13.33
C PRO A 32 -13.07 -19.36 13.19
N MET A 33 -13.55 -18.97 12.01
CA MET A 33 -14.05 -17.61 11.86
C MET A 33 -15.38 -17.44 12.58
N GLY A 34 -16.33 -18.35 12.36
CA GLY A 34 -17.63 -18.22 13.01
C GLY A 34 -17.53 -18.18 14.52
N ALA A 35 -16.65 -19.01 15.10
CA ALA A 35 -16.44 -18.98 16.54
C ALA A 35 -15.90 -17.62 16.98
N ALA A 36 -15.00 -17.02 16.19
CA ALA A 36 -14.50 -15.69 16.51
C ALA A 36 -15.61 -14.65 16.44
N LEU A 37 -16.52 -14.78 15.45
CA LEU A 37 -17.64 -13.85 15.35
C LEU A 37 -18.51 -13.91 16.59
N ALA A 38 -18.90 -15.12 17.00
CA ALA A 38 -19.72 -15.26 18.19
C ALA A 38 -19.01 -14.69 19.41
N GLY A 39 -17.71 -14.95 19.53
CA GLY A 39 -16.97 -14.43 20.68
C GLY A 39 -16.98 -12.92 20.73
N ALA A 40 -16.90 -12.28 19.55
CA ALA A 40 -16.91 -10.83 19.51
C ALA A 40 -18.29 -10.28 19.84
N PHE A 41 -19.37 -10.93 19.39
CA PHE A 41 -20.70 -10.53 19.81
C PHE A 41 -20.84 -10.66 21.33
N LEU A 42 -20.31 -11.72 21.90
CA LEU A 42 -20.36 -11.90 23.35
C LEU A 42 -19.61 -10.77 24.07
N ALA A 43 -18.44 -10.40 23.56
CA ALA A 43 -17.64 -9.40 24.25
C ALA A 43 -18.28 -8.00 24.19
N ALA A 44 -19.18 -7.76 23.24
CA ALA A 44 -19.91 -6.51 23.16
C ALA A 44 -21.22 -6.55 23.96
N GLY A 45 -21.54 -7.67 24.59
CA GLY A 45 -22.70 -7.75 25.46
C GLY A 45 -23.98 -8.22 24.83
N HIS A 46 -23.94 -8.69 23.58
CA HIS A 46 -25.15 -9.11 22.90
C HIS A 46 -25.58 -10.51 23.37
N ARG A 47 -26.87 -10.74 23.33
CA ARG A 47 -27.42 -12.04 23.73
C ARG A 47 -27.25 -12.98 22.55
N THR A 48 -26.25 -13.86 22.64
CA THR A 48 -25.71 -14.53 21.47
C THR A 48 -26.10 -16.00 21.52
N THR A 49 -26.79 -16.46 20.47
CA THR A 49 -27.15 -17.85 20.31
C THR A 49 -26.30 -18.44 19.19
N VAL A 50 -25.82 -19.68 19.37
CA VAL A 50 -24.91 -20.26 18.40
C VAL A 50 -25.35 -21.66 18.00
N TRP A 51 -25.03 -22.01 16.76
CA TRP A 51 -25.26 -23.35 16.24
C TRP A 51 -24.14 -23.71 15.27
N ASN A 52 -23.79 -24.99 15.26
CA ASN A 52 -22.83 -25.55 14.32
C ASN A 52 -23.33 -26.93 13.91
N ARG A 53 -23.01 -27.32 12.67
CA ARG A 53 -23.48 -28.61 12.17
C ARG A 53 -22.91 -29.75 13.00
N THR A 54 -21.63 -29.69 13.33
CA THR A 54 -21.05 -30.73 14.18
C THR A 54 -21.16 -30.32 15.65
N PRO A 55 -21.66 -31.19 16.52
CA PRO A 55 -21.72 -30.85 17.95
C PRO A 55 -20.34 -30.86 18.58
N GLY A 56 -20.23 -30.13 19.69
CA GLY A 56 -19.00 -30.11 20.46
C GLY A 56 -18.03 -29.01 20.12
N LYS A 57 -18.47 -27.94 19.45
CA LYS A 57 -17.59 -26.83 19.13
C LYS A 57 -18.04 -25.51 19.77
N GLY A 58 -18.96 -25.57 20.74
CA GLY A 58 -19.46 -24.37 21.38
C GLY A 58 -19.22 -24.33 22.88
N GLY A 59 -18.39 -25.24 23.39
CA GLY A 59 -18.17 -25.32 24.82
C GLY A 59 -17.55 -24.07 25.40
N SER A 60 -16.50 -23.57 24.75
CA SER A 60 -15.85 -22.36 25.25
C SER A 60 -16.77 -21.15 25.14
N LEU A 61 -17.54 -21.06 24.05
CA LEU A 61 -18.50 -19.98 23.89
C LEU A 61 -19.60 -20.03 24.95
N ALA A 62 -20.09 -21.24 25.23
CA ALA A 62 -21.10 -21.38 26.27
C ALA A 62 -20.59 -20.88 27.61
N GLY A 63 -19.31 -21.14 27.89
CA GLY A 63 -18.70 -20.64 29.11
C GLY A 63 -18.57 -19.13 29.16
N GLU A 64 -18.60 -18.48 28.00
CA GLU A 64 -18.53 -17.03 27.88
C GLU A 64 -19.91 -16.39 27.78
N GLY A 65 -20.97 -17.18 27.91
CA GLY A 65 -22.33 -16.67 27.97
C GLY A 65 -23.18 -16.97 26.75
N ALA A 66 -22.62 -17.60 25.72
CA ALA A 66 -23.44 -17.96 24.56
C ALA A 66 -24.45 -19.04 24.92
N THR A 67 -25.57 -19.03 24.21
CA THR A 67 -26.58 -20.09 24.30
C THR A 67 -26.41 -20.98 23.09
N GLU A 68 -25.88 -22.18 23.28
CA GLU A 68 -25.76 -23.11 22.16
C GLU A 68 -27.03 -23.95 22.05
N VAL A 69 -27.49 -24.12 20.81
CA VAL A 69 -28.69 -24.89 20.56
C VAL A 69 -28.36 -26.00 19.56
N ALA A 70 -29.20 -27.05 19.58
CA ALA A 70 -28.86 -28.28 18.85
C ALA A 70 -29.12 -28.16 17.35
N SER A 71 -30.11 -27.38 16.92
CA SER A 71 -30.49 -27.30 15.52
C SER A 71 -30.45 -25.87 15.01
N ALA A 72 -30.26 -25.73 13.70
CA ALA A 72 -30.29 -24.41 13.09
C ALA A 72 -31.66 -23.77 13.20
N ALA A 73 -32.73 -24.57 13.19
CA ALA A 73 -34.08 -24.00 13.33
C ALA A 73 -34.24 -23.27 14.66
N GLU A 74 -33.79 -23.91 15.75
CA GLU A 74 -33.81 -23.25 17.06
C GLU A 74 -32.99 -21.98 17.05
N ALA A 75 -31.83 -22.01 16.42
CA ALA A 75 -30.94 -20.86 16.39
C ALA A 75 -31.58 -19.70 15.64
N VAL A 76 -32.14 -19.99 14.46
CA VAL A 76 -32.79 -18.96 13.67
C VAL A 76 -33.99 -18.39 14.42
N ALA A 77 -34.74 -19.26 15.11
CA ALA A 77 -35.90 -18.84 15.88
C ALA A 77 -35.52 -17.90 17.01
N ALA A 78 -34.27 -17.94 17.45
CA ALA A 78 -33.88 -17.27 18.69
C ALA A 78 -33.65 -15.77 18.52
N SER A 79 -33.32 -15.31 17.32
CA SER A 79 -32.87 -13.93 17.16
C SER A 79 -33.44 -13.35 15.87
N PRO A 80 -33.76 -12.06 15.87
CA PRO A 80 -34.14 -11.40 14.61
C PRO A 80 -32.98 -11.20 13.66
N LEU A 81 -31.73 -11.23 14.15
CA LEU A 81 -30.53 -11.06 13.32
C LEU A 81 -29.78 -12.39 13.29
N VAL A 82 -29.61 -12.93 12.09
CA VAL A 82 -28.96 -14.23 11.88
C VAL A 82 -27.69 -13.99 11.09
N VAL A 83 -26.54 -14.28 11.70
CA VAL A 83 -25.25 -14.07 11.06
C VAL A 83 -24.70 -15.43 10.63
N VAL A 84 -24.36 -15.56 9.35
CA VAL A 84 -24.03 -16.84 8.75
C VAL A 84 -22.56 -16.81 8.35
N CYS A 85 -21.81 -17.80 8.80
CA CYS A 85 -20.38 -17.89 8.46
C CYS A 85 -20.04 -19.36 8.33
N LEU A 86 -20.28 -19.91 7.15
CA LEU A 86 -20.05 -21.33 6.86
C LEU A 86 -18.94 -21.44 5.82
N ALA A 87 -18.61 -22.69 5.46
CA ALA A 87 -17.42 -22.92 4.64
C ALA A 87 -17.60 -22.40 3.22
N THR A 88 -18.75 -22.68 2.62
CA THR A 88 -19.04 -22.35 1.22
C THR A 88 -20.50 -21.92 1.13
N TYR A 89 -20.86 -21.35 -0.02
CA TYR A 89 -22.27 -21.01 -0.24
C TYR A 89 -23.13 -22.24 -0.47
N GLU A 90 -22.53 -23.35 -0.92
CA GLU A 90 -23.27 -24.60 -0.97
C GLU A 90 -23.73 -25.01 0.43
N ALA A 91 -22.84 -24.87 1.42
CA ALA A 91 -23.20 -25.13 2.81
C ALA A 91 -24.30 -24.19 3.28
N VAL A 92 -24.21 -22.90 2.92
CA VAL A 92 -25.24 -21.94 3.28
C VAL A 92 -26.60 -22.42 2.80
N HIS A 93 -26.67 -22.90 1.57
CA HIS A 93 -27.97 -23.29 1.02
C HIS A 93 -28.45 -24.61 1.62
N GLU A 94 -27.53 -25.52 1.98
CA GLU A 94 -27.93 -26.73 2.69
C GLU A 94 -28.60 -26.39 4.02
N VAL A 95 -28.08 -25.38 4.71
CA VAL A 95 -28.60 -25.02 6.03
C VAL A 95 -29.85 -24.17 5.92
N LEU A 96 -29.85 -23.18 5.04
CA LEU A 96 -30.94 -22.19 5.03
C LEU A 96 -32.16 -22.65 4.22
N ASP A 97 -31.96 -23.44 3.16
CA ASP A 97 -33.09 -23.82 2.32
C ASP A 97 -34.22 -24.51 3.08
N PRO A 98 -33.97 -25.41 4.04
CA PRO A 98 -35.11 -25.99 4.79
C PRO A 98 -35.78 -25.00 5.73
N LEU A 99 -35.22 -23.81 5.91
CA LEU A 99 -35.71 -22.83 6.88
C LEU A 99 -36.33 -21.61 6.21
N ALA A 100 -36.72 -21.75 4.94
CA ALA A 100 -37.25 -20.61 4.20
C ALA A 100 -38.42 -19.95 4.93
N ASP A 101 -39.37 -20.75 5.41
CA ASP A 101 -40.53 -20.15 6.08
C ASP A 101 -40.15 -19.54 7.42
N GLU A 102 -39.13 -20.09 8.08
CA GLU A 102 -38.71 -19.60 9.39
C GLU A 102 -37.88 -18.32 9.31
N LEU A 103 -37.35 -18.00 8.12
CA LEU A 103 -36.55 -16.79 7.96
C LEU A 103 -37.37 -15.57 7.58
N ALA A 104 -38.67 -15.70 7.32
CA ALA A 104 -39.46 -14.53 6.96
C ALA A 104 -39.45 -13.49 8.08
N GLY A 105 -39.22 -12.24 7.71
CA GLY A 105 -39.18 -11.18 8.69
C GLY A 105 -37.89 -11.06 9.47
N ARG A 106 -36.90 -11.91 9.20
CA ARG A 106 -35.61 -11.83 9.86
C ARG A 106 -34.58 -11.22 8.93
N THR A 107 -33.43 -10.87 9.51
CA THR A 107 -32.33 -10.29 8.77
C THR A 107 -31.19 -11.30 8.71
N VAL A 108 -30.73 -11.62 7.51
CA VAL A 108 -29.66 -12.59 7.31
C VAL A 108 -28.43 -11.82 6.88
N VAL A 109 -27.34 -11.96 7.63
CA VAL A 109 -26.06 -11.35 7.27
C VAL A 109 -25.10 -12.47 6.95
N ASN A 110 -24.69 -12.59 5.68
CA ASN A 110 -23.96 -13.77 5.22
C ASN A 110 -22.51 -13.39 4.95
N LEU A 111 -21.63 -13.75 5.89
CA LEU A 111 -20.20 -13.43 5.83
C LEU A 111 -19.37 -14.58 5.26
N THR A 112 -20.03 -15.62 4.78
CA THR A 112 -19.38 -16.70 4.05
C THR A 112 -18.63 -16.13 2.84
N SER A 113 -17.49 -16.73 2.51
CA SER A 113 -16.75 -16.36 1.30
C SER A 113 -17.25 -17.09 0.07
N GLY A 114 -17.29 -16.38 -1.05
CA GLY A 114 -17.63 -17.02 -2.31
C GLY A 114 -17.76 -16.01 -3.43
N SER A 115 -18.44 -16.44 -4.51
CA SER A 115 -18.46 -15.73 -5.77
C SER A 115 -19.54 -14.65 -5.79
N PRO A 116 -19.41 -13.65 -6.66
CA PRO A 116 -20.47 -12.63 -6.76
C PRO A 116 -21.79 -13.22 -7.17
N VAL A 117 -21.77 -14.23 -8.04
CA VAL A 117 -23.02 -14.82 -8.51
C VAL A 117 -23.72 -15.56 -7.38
N HIS A 118 -22.95 -16.23 -6.52
CA HIS A 118 -23.58 -16.92 -5.39
C HIS A 118 -24.16 -15.94 -4.39
N ALA A 119 -23.52 -14.78 -4.20
CA ALA A 119 -24.11 -13.75 -3.36
C ALA A 119 -25.43 -13.27 -3.92
N ARG A 120 -25.47 -12.97 -5.22
CA ARG A 120 -26.71 -12.53 -5.85
C ARG A 120 -27.80 -13.60 -5.78
N GLU A 121 -27.45 -14.85 -6.07
CA GLU A 121 -28.47 -15.90 -6.05
C GLU A 121 -29.04 -16.10 -4.65
N THR A 122 -28.19 -16.00 -3.63
CA THR A 122 -28.68 -16.11 -2.26
C THR A 122 -29.54 -14.91 -1.90
N ALA A 123 -29.15 -13.72 -2.36
CA ALA A 123 -29.96 -12.52 -2.11
C ALA A 123 -31.34 -12.65 -2.74
N ASN A 124 -31.39 -13.14 -3.97
CA ASN A 124 -32.68 -13.33 -4.65
C ASN A 124 -33.53 -14.34 -3.90
N TRP A 125 -32.92 -15.43 -3.42
CA TRP A 125 -33.67 -16.41 -2.63
C TRP A 125 -34.22 -15.79 -1.36
N ALA A 126 -33.38 -15.02 -0.63
CA ALA A 126 -33.85 -14.34 0.56
C ALA A 126 -35.03 -13.41 0.27
N GLN A 127 -34.93 -12.64 -0.82
CA GLN A 127 -36.03 -11.74 -1.22
C GLN A 127 -37.32 -12.51 -1.41
N GLN A 128 -37.25 -13.65 -2.10
CA GLN A 128 -38.43 -14.43 -2.42
C GLN A 128 -39.15 -14.86 -1.16
N HIS A 129 -38.40 -15.16 -0.11
CA HIS A 129 -38.92 -15.66 1.16
C HIS A 129 -39.06 -14.59 2.23
N GLY A 130 -38.82 -13.33 1.90
CA GLY A 130 -39.13 -12.27 2.84
C GLY A 130 -38.09 -12.02 3.91
N ALA A 131 -36.86 -12.49 3.71
CA ALA A 131 -35.75 -12.19 4.61
C ALA A 131 -34.96 -11.02 4.06
N GLU A 132 -34.58 -10.08 4.95
CA GLU A 132 -33.70 -9.00 4.53
C GLU A 132 -32.28 -9.52 4.48
N TYR A 133 -31.61 -9.33 3.36
CA TYR A 133 -30.34 -10.01 3.12
C TYR A 133 -29.21 -9.02 2.93
N LEU A 134 -28.16 -9.18 3.74
CA LEU A 134 -26.92 -8.42 3.61
C LEU A 134 -25.80 -9.42 3.43
N ASP A 135 -25.04 -9.27 2.35
CA ASP A 135 -23.89 -10.13 2.12
C ASP A 135 -22.65 -9.37 2.56
N GLY A 136 -21.67 -10.08 3.08
CA GLY A 136 -20.48 -9.39 3.51
C GLY A 136 -19.23 -10.20 3.32
N VAL A 137 -18.08 -9.52 3.51
CA VAL A 137 -16.77 -10.16 3.50
C VAL A 137 -15.98 -9.68 4.71
N ILE A 138 -15.20 -10.59 5.28
CA ILE A 138 -14.35 -10.29 6.43
C ILE A 138 -12.93 -10.04 5.93
N MET A 139 -12.45 -8.81 6.11
CA MET A 139 -11.12 -8.46 5.63
C MET A 139 -10.05 -8.63 6.70
N THR A 140 -10.16 -9.71 7.48
CA THR A 140 -9.14 -10.09 8.44
C THR A 140 -9.29 -11.58 8.69
N THR A 141 -8.36 -12.11 9.47
CA THR A 141 -8.36 -13.49 9.92
C THR A 141 -9.06 -13.59 11.27
N PRO A 142 -9.34 -14.80 11.77
CA PRO A 142 -10.12 -14.90 13.01
C PRO A 142 -9.57 -14.10 14.17
N SER A 143 -8.24 -14.01 14.32
CA SER A 143 -7.68 -13.28 15.44
C SER A 143 -7.85 -11.76 15.32
N GLY A 144 -8.18 -11.26 14.12
CA GLY A 144 -8.44 -9.84 13.97
C GLY A 144 -9.86 -9.41 14.28
N ILE A 145 -10.79 -10.35 14.38
CA ILE A 145 -12.17 -10.02 14.69
C ILE A 145 -12.25 -9.30 16.03
N GLY A 146 -13.08 -8.26 16.08
CA GLY A 146 -13.34 -7.53 17.29
C GLY A 146 -12.27 -6.52 17.66
N LYS A 147 -11.24 -6.34 16.82
CA LYS A 147 -10.09 -5.47 17.03
C LYS A 147 -10.22 -4.20 16.21
N PRO A 148 -9.48 -3.15 16.57
CA PRO A 148 -9.58 -1.88 15.81
C PRO A 148 -8.97 -2.00 14.43
N ASP A 149 -9.49 -1.16 13.52
CA ASP A 149 -8.97 -0.90 12.18
C ASP A 149 -9.37 -1.96 11.16
N TYR A 150 -9.61 -3.20 11.59
CA TYR A 150 -9.94 -4.24 10.62
C TYR A 150 -11.35 -4.04 10.12
N LEU A 151 -11.56 -4.34 8.84
CA LEU A 151 -12.78 -4.00 8.14
C LEU A 151 -13.66 -5.20 7.88
N LEU A 152 -14.96 -4.98 7.97
CA LEU A 152 -15.95 -5.89 7.43
C LEU A 152 -16.78 -5.09 6.44
N LEU A 153 -16.91 -5.62 5.22
CA LEU A 153 -17.58 -4.94 4.13
C LEU A 153 -18.90 -5.63 3.82
N TYR A 154 -19.93 -4.83 3.60
CA TYR A 154 -21.29 -5.34 3.47
C TYR A 154 -21.98 -4.72 2.27
N SER A 155 -22.85 -5.52 1.62
CA SER A 155 -23.59 -5.04 0.46
C SER A 155 -24.93 -5.75 0.39
N GLY A 156 -25.96 -5.01 -0.03
CA GLY A 156 -27.30 -5.58 0.04
C GLY A 156 -28.28 -4.65 0.70
N SER A 157 -29.20 -5.21 1.51
CA SER A 157 -30.27 -4.43 2.12
C SER A 157 -29.75 -3.27 2.95
N GLN A 158 -30.06 -2.05 2.52
CA GLN A 158 -29.69 -0.87 3.30
C GLN A 158 -30.45 -0.83 4.61
N ALA A 159 -31.69 -1.34 4.63
CA ALA A 159 -32.43 -1.44 5.88
C ALA A 159 -31.73 -2.39 6.84
N ALA A 160 -31.24 -3.53 6.34
CA ALA A 160 -30.49 -4.45 7.19
C ALA A 160 -29.23 -3.79 7.73
N PHE A 161 -28.50 -3.08 6.87
CA PHE A 161 -27.28 -2.46 7.34
C PHE A 161 -27.56 -1.42 8.42
N ASP A 162 -28.51 -0.51 8.15
CA ASP A 162 -28.78 0.55 9.10
C ASP A 162 -29.33 0.01 10.41
N GLY A 163 -30.19 -1.01 10.34
CA GLY A 163 -30.76 -1.57 11.56
C GLY A 163 -29.80 -2.45 12.34
N SER A 164 -28.81 -3.02 11.66
CA SER A 164 -27.90 -3.97 12.30
C SER A 164 -26.53 -3.40 12.62
N ARG A 165 -26.20 -2.20 12.12
CA ARG A 165 -24.83 -1.69 12.18
C ARG A 165 -24.31 -1.64 13.62
N GLY A 166 -25.15 -1.23 14.57
CA GLY A 166 -24.70 -1.15 15.95
C GLY A 166 -24.24 -2.49 16.48
N THR A 167 -24.98 -3.56 16.17
CA THR A 167 -24.59 -4.90 16.59
C THR A 167 -23.38 -5.40 15.80
N LEU A 168 -23.39 -5.17 14.48
CA LEU A 168 -22.28 -5.60 13.63
C LEU A 168 -20.97 -4.92 14.00
N CYS A 169 -21.04 -3.72 14.61
CA CYS A 169 -19.84 -3.03 15.10
C CYS A 169 -18.98 -3.91 15.99
N ALA A 170 -19.58 -4.90 16.66
CA ALA A 170 -18.85 -5.78 17.57
C ALA A 170 -17.75 -6.56 16.85
N LEU A 171 -17.91 -6.79 15.55
CA LEU A 171 -16.99 -7.64 14.82
C LEU A 171 -15.78 -6.88 14.28
N GLY A 172 -15.91 -5.58 14.13
CA GLY A 172 -14.96 -4.76 13.39
C GLY A 172 -15.70 -3.65 12.69
N GLU A 173 -14.92 -2.72 12.12
CA GLU A 173 -15.51 -1.54 11.50
C GLU A 173 -16.34 -1.92 10.29
N PRO A 174 -17.65 -1.66 10.29
CA PRO A 174 -18.48 -2.02 9.14
C PRO A 174 -18.52 -0.92 8.09
N MET A 175 -18.44 -1.34 6.83
CA MET A 175 -18.63 -0.43 5.71
C MET A 175 -19.75 -0.95 4.81
N ASN A 176 -20.65 -0.04 4.43
CA ASN A 176 -21.75 -0.33 3.53
C ASN A 176 -21.32 0.04 2.11
N LEU A 177 -21.05 -0.99 1.29
CA LEU A 177 -20.60 -0.79 -0.08
C LEU A 177 -21.74 -0.37 -1.01
N GLY A 178 -22.97 -0.62 -0.64
CA GLY A 178 -24.08 -0.24 -1.48
C GLY A 178 -25.11 -1.34 -1.53
N THR A 179 -25.97 -1.27 -2.53
CA THR A 179 -27.24 -2.00 -2.52
C THR A 179 -27.17 -3.38 -3.19
N ASP A 180 -26.15 -3.64 -3.99
CA ASP A 180 -26.02 -4.86 -4.78
C ASP A 180 -25.30 -5.91 -3.94
N ALA A 181 -25.98 -7.02 -3.64
CA ALA A 181 -25.43 -8.00 -2.71
C ALA A 181 -24.09 -8.56 -3.17
N ALA A 182 -23.87 -8.63 -4.49
CA ALA A 182 -22.64 -9.20 -5.01
C ALA A 182 -21.41 -8.30 -4.84
N MET A 183 -21.58 -7.05 -4.38
CA MET A 183 -20.44 -6.11 -4.35
C MET A 183 -19.35 -6.59 -3.38
N ALA A 184 -19.74 -7.11 -2.22
CA ALA A 184 -18.73 -7.45 -1.21
C ALA A 184 -17.72 -8.45 -1.75
N SER A 185 -18.20 -9.46 -2.49
CA SER A 185 -17.33 -10.47 -3.08
C SER A 185 -16.30 -9.87 -4.03
N VAL A 186 -16.74 -8.94 -4.88
CA VAL A 186 -15.82 -8.31 -5.82
C VAL A 186 -14.83 -7.41 -5.09
N TYR A 187 -15.32 -6.63 -4.12
CA TYR A 187 -14.41 -5.79 -3.34
C TYR A 187 -13.32 -6.60 -2.67
N ASP A 188 -13.67 -7.77 -2.12
CA ASP A 188 -12.64 -8.58 -1.46
C ASP A 188 -11.53 -8.95 -2.44
N THR A 189 -11.90 -9.42 -3.61
CA THR A 189 -10.93 -9.83 -4.62
C THR A 189 -10.10 -8.64 -5.07
N ALA A 190 -10.73 -7.48 -5.28
CA ALA A 190 -10.01 -6.30 -5.73
C ALA A 190 -9.05 -5.79 -4.66
N LEU A 191 -9.48 -5.79 -3.39
CA LEU A 191 -8.62 -5.31 -2.31
C LEU A 191 -7.45 -6.25 -2.07
N LEU A 192 -7.66 -7.55 -2.28
CA LEU A 192 -6.53 -8.47 -2.14
C LEU A 192 -5.51 -8.24 -3.23
N GLY A 193 -5.97 -7.97 -4.45
CA GLY A 193 -5.04 -7.60 -5.51
C GLY A 193 -4.21 -6.37 -5.16
N LEU A 194 -4.86 -5.36 -4.57
CA LEU A 194 -4.13 -4.18 -4.12
C LEU A 194 -3.10 -4.54 -3.05
N MET A 195 -3.48 -5.41 -2.11
CA MET A 195 -2.57 -5.85 -1.06
C MET A 195 -1.37 -6.57 -1.65
N TRP A 196 -1.59 -7.47 -2.61
CA TRP A 196 -0.47 -8.20 -3.17
C TRP A 196 0.44 -7.30 -3.98
N GLY A 197 -0.13 -6.32 -4.68
CA GLY A 197 0.72 -5.38 -5.40
C GLY A 197 1.61 -4.59 -4.46
N THR A 198 1.02 -4.10 -3.36
CA THR A 198 1.78 -3.39 -2.32
C THR A 198 2.86 -4.30 -1.73
N LEU A 199 2.47 -5.52 -1.31
CA LEU A 199 3.41 -6.38 -0.62
C LEU A 199 4.51 -6.87 -1.54
N THR A 200 4.22 -7.02 -2.83
CA THR A 200 5.27 -7.45 -3.75
C THR A 200 6.21 -6.30 -4.07
N GLY A 201 5.70 -5.07 -4.15
CA GLY A 201 6.58 -3.90 -4.23
C GLY A 201 7.39 -3.71 -2.97
N TRP A 202 6.80 -4.02 -1.81
CA TRP A 202 7.52 -3.98 -0.55
C TRP A 202 8.63 -5.02 -0.51
N LEU A 203 8.33 -6.25 -0.92
CA LEU A 203 9.33 -7.31 -0.95
C LEU A 203 10.48 -6.95 -1.89
N HIS A 204 10.13 -6.45 -3.08
CA HIS A 204 11.16 -6.00 -4.01
C HIS A 204 12.05 -4.93 -3.37
N GLY A 205 11.44 -4.01 -2.61
CA GLY A 205 12.23 -2.95 -1.99
C GLY A 205 13.10 -3.47 -0.85
N VAL A 206 12.55 -4.38 -0.04
CA VAL A 206 13.34 -5.02 1.00
C VAL A 206 14.56 -5.70 0.40
N ALA A 207 14.37 -6.45 -0.68
CA ALA A 207 15.50 -7.15 -1.29
C ALA A 207 16.52 -6.18 -1.87
N LEU A 208 16.05 -5.10 -2.49
CA LEU A 208 17.00 -4.11 -3.03
C LEU A 208 17.76 -3.41 -1.91
N MET A 209 17.07 -3.06 -0.82
CA MET A 209 17.73 -2.40 0.30
C MET A 209 18.72 -3.33 1.01
N GLY A 210 18.41 -4.62 1.08
CA GLY A 210 19.25 -5.56 1.80
C GLY A 210 20.47 -6.03 1.06
N ALA A 211 20.54 -5.79 -0.24
CA ALA A 211 21.59 -6.35 -1.08
C ALA A 211 22.93 -5.69 -0.78
N ASP A 212 24.01 -6.40 -1.16
CA ASP A 212 25.35 -5.83 -1.11
C ASP A 212 25.46 -4.66 -2.08
N GLY A 213 26.30 -3.70 -1.72
CA GLY A 213 26.51 -2.55 -2.56
C GLY A 213 26.44 -1.25 -1.76
N PRO A 214 26.95 -0.18 -2.35
CA PRO A 214 26.89 1.13 -1.68
C PRO A 214 25.46 1.51 -1.33
N GLY A 215 25.27 1.93 -0.08
CA GLY A 215 23.95 2.28 0.39
C GLY A 215 23.09 1.09 0.75
N GLY A 216 23.62 -0.13 0.67
CA GLY A 216 22.86 -1.33 0.88
C GLY A 216 23.06 -1.93 2.26
N ASN A 217 22.76 -3.22 2.37
CA ASN A 217 22.79 -3.95 3.64
C ASN A 217 21.93 -3.27 4.71
N VAL A 218 20.76 -2.76 4.30
CA VAL A 218 19.84 -2.12 5.23
C VAL A 218 18.79 -3.17 5.61
N THR A 219 18.43 -3.24 6.89
CA THR A 219 17.48 -4.25 7.31
C THR A 219 16.08 -3.96 6.78
N ALA A 220 15.26 -5.01 6.73
CA ALA A 220 13.87 -4.86 6.32
C ALA A 220 13.09 -4.00 7.31
N THR A 221 13.38 -4.14 8.60
CA THR A 221 12.72 -3.32 9.60
C THR A 221 13.04 -1.84 9.42
N ALA A 222 14.30 -1.51 9.13
CA ALA A 222 14.67 -0.11 8.92
C ALA A 222 14.01 0.44 7.67
N PHE A 223 14.04 -0.31 6.57
CA PHE A 223 13.35 0.12 5.37
C PHE A 223 11.87 0.35 5.62
N THR A 224 11.21 -0.57 6.33
CA THR A 224 9.76 -0.50 6.48
C THR A 224 9.35 0.70 7.33
N GLU A 225 10.22 1.12 8.27
CA GLU A 225 9.96 2.33 9.02
C GLU A 225 9.84 3.54 8.11
N VAL A 226 10.73 3.64 7.11
CA VAL A 226 10.64 4.71 6.13
C VAL A 226 9.44 4.49 5.21
N ALA A 227 9.25 3.24 4.77
CA ALA A 227 8.13 2.94 3.88
C ALA A 227 6.79 3.27 4.51
N ASN A 228 6.66 3.07 5.83
CA ASN A 228 5.41 3.43 6.50
C ASN A 228 5.06 4.90 6.28
N ARG A 229 6.06 5.78 6.39
CA ARG A 229 5.81 7.20 6.17
C ARG A 229 5.52 7.49 4.70
N TRP A 230 6.26 6.83 3.80
CA TRP A 230 6.08 7.03 2.36
C TRP A 230 4.70 6.61 1.89
N MET A 231 4.12 5.57 2.51
CA MET A 231 2.81 5.09 2.09
C MET A 231 1.75 6.17 2.22
N LYS A 232 1.96 7.18 3.07
CA LYS A 232 1.00 8.29 3.13
C LYS A 232 0.97 9.04 1.80
N THR A 233 2.14 9.27 1.20
CA THR A 233 2.21 9.91 -0.11
C THR A 233 1.60 9.03 -1.19
N VAL A 234 1.90 7.74 -1.15
CA VAL A 234 1.31 6.81 -2.12
C VAL A 234 -0.22 6.82 -2.00
N GLY A 235 -0.74 6.91 -0.78
CA GLY A 235 -2.20 7.00 -0.62
C GLY A 235 -2.77 8.25 -1.26
N VAL A 236 -2.06 9.37 -1.14
CA VAL A 236 -2.46 10.61 -1.79
C VAL A 236 -2.52 10.44 -3.31
N PHE A 237 -1.54 9.72 -3.89
CA PHE A 237 -1.57 9.48 -5.34
C PHE A 237 -2.85 8.75 -5.74
N MET A 238 -3.22 7.70 -5.00
CA MET A 238 -4.43 6.95 -5.34
C MET A 238 -5.66 7.84 -5.26
N ASN A 239 -5.69 8.74 -4.26
N ASN A 239 -5.70 8.73 -4.28
CA ASN A 239 -6.84 9.62 -4.10
CA ASN A 239 -6.87 9.60 -4.16
C ASN A 239 -6.89 10.68 -5.20
C ASN A 239 -6.90 10.65 -5.26
N THR A 240 -5.73 11.10 -5.69
CA THR A 240 -5.67 12.04 -6.81
C THR A 240 -6.07 11.36 -8.11
N TYR A 241 -5.69 10.09 -8.28
CA TYR A 241 -5.88 9.44 -9.58
C TYR A 241 -7.24 8.77 -9.75
N ALA A 242 -7.96 8.45 -8.66
CA ALA A 242 -9.31 7.89 -8.82
C ALA A 242 -10.23 8.79 -9.64
N PRO A 243 -10.32 10.10 -9.40
CA PRO A 243 -11.17 10.93 -10.28
C PRO A 243 -10.70 10.95 -11.72
N HIS A 244 -9.41 10.73 -12.00
CA HIS A 244 -8.96 10.68 -13.38
C HIS A 244 -9.62 9.53 -14.12
N VAL A 245 -9.65 8.36 -13.47
CA VAL A 245 -10.27 7.18 -14.06
C VAL A 245 -11.75 7.43 -14.31
N ASP A 246 -12.43 8.01 -13.32
CA ASP A 246 -13.87 8.22 -13.45
C ASP A 246 -14.21 9.29 -14.48
N ALA A 247 -13.32 10.27 -14.70
CA ALA A 247 -13.56 11.29 -15.71
C ALA A 247 -13.03 10.93 -17.08
N GLY A 248 -12.22 9.87 -17.19
CA GLY A 248 -11.55 9.57 -18.44
C GLY A 248 -10.61 10.67 -18.89
N HIS A 249 -10.04 11.42 -17.95
CA HIS A 249 -9.11 12.50 -18.21
C HIS A 249 -7.95 12.36 -17.24
N TYR A 250 -6.73 12.34 -17.74
CA TYR A 250 -5.58 11.87 -16.95
C TYR A 250 -4.43 12.86 -16.97
N PRO A 251 -4.63 14.07 -16.44
CA PRO A 251 -3.59 15.09 -16.53
C PRO A 251 -2.37 14.69 -15.71
N GLY A 252 -1.20 14.70 -16.34
CA GLY A 252 -0.02 14.15 -15.67
C GLY A 252 0.70 15.11 -14.75
N ASP A 253 0.42 16.41 -14.84
CA ASP A 253 0.99 17.41 -13.96
C ASP A 253 2.50 17.27 -13.88
N GLU A 254 3.02 17.02 -12.68
CA GLU A 254 4.46 17.01 -12.45
C GLU A 254 5.04 15.61 -12.36
N PHE A 255 4.23 14.56 -12.59
CA PHE A 255 4.73 13.19 -12.63
C PHE A 255 4.01 12.46 -13.76
N THR A 256 4.53 12.62 -14.97
CA THR A 256 3.89 12.07 -16.16
C THR A 256 4.38 10.65 -16.41
N LEU A 257 3.68 9.95 -17.32
CA LEU A 257 4.10 8.60 -17.70
C LEU A 257 5.51 8.58 -18.27
N HIS A 258 5.95 9.67 -18.94
CA HIS A 258 7.33 9.77 -19.39
C HIS A 258 8.30 9.59 -18.23
N LEU A 259 8.04 10.29 -17.13
CA LEU A 259 8.92 10.19 -15.96
C LEU A 259 8.81 8.83 -15.27
N HIS A 260 7.60 8.27 -15.19
CA HIS A 260 7.45 6.92 -14.68
C HIS A 260 8.33 5.95 -15.45
N HIS A 261 8.25 5.99 -16.78
CA HIS A 261 9.00 5.03 -17.58
C HIS A 261 10.50 5.23 -17.39
N ARG A 262 10.94 6.49 -17.34
CA ARG A 262 12.37 6.76 -17.14
C ARG A 262 12.86 6.18 -15.83
N THR A 263 12.13 6.44 -14.75
CA THR A 263 12.57 5.95 -13.45
C THR A 263 12.33 4.45 -13.30
N MET A 264 11.32 3.89 -13.98
CA MET A 264 11.17 2.44 -13.97
C MET A 264 12.38 1.75 -14.63
N ASN A 265 12.93 2.35 -15.69
CA ASN A 265 14.15 1.81 -16.28
C ASN A 265 15.31 1.84 -15.30
N ILE A 266 15.40 2.90 -14.49
CA ILE A 266 16.42 2.94 -13.46
C ILE A 266 16.21 1.82 -12.44
N LEU A 267 14.96 1.61 -12.02
CA LEU A 267 14.69 0.53 -11.08
C LEU A 267 15.08 -0.82 -11.68
N ALA A 268 14.77 -1.03 -12.96
CA ALA A 268 15.13 -2.29 -13.61
C ALA A 268 16.65 -2.48 -13.63
N HIS A 269 17.38 -1.43 -13.99
CA HIS A 269 18.83 -1.50 -14.01
C HIS A 269 19.39 -1.77 -12.61
N ALA A 270 18.91 -1.01 -11.63
CA ALA A 270 19.38 -1.19 -10.26
C ALA A 270 19.08 -2.59 -9.74
N SER A 271 17.88 -3.11 -10.03
CA SER A 271 17.53 -4.44 -9.54
C SER A 271 18.40 -5.51 -10.17
N GLU A 272 18.73 -5.35 -11.45
CA GLU A 272 19.60 -6.33 -12.10
C GLU A 272 21.00 -6.32 -11.48
N LEU A 273 21.53 -5.13 -11.19
CA LEU A 273 22.87 -5.02 -10.64
C LEU A 273 22.96 -5.63 -9.24
N ARG A 274 21.88 -5.55 -8.46
CA ARG A 274 21.86 -6.06 -7.10
C ARG A 274 21.21 -7.42 -6.99
N GLY A 275 20.91 -8.06 -8.12
CA GLY A 275 20.41 -9.42 -8.10
C GLY A 275 19.00 -9.60 -7.58
N VAL A 276 18.14 -8.59 -7.75
CA VAL A 276 16.73 -8.71 -7.38
C VAL A 276 15.96 -9.03 -8.64
N VAL A 277 15.29 -10.18 -8.66
CA VAL A 277 14.59 -10.69 -9.84
C VAL A 277 13.17 -11.02 -9.39
N SER A 278 12.26 -10.04 -9.49
CA SER A 278 10.88 -10.22 -9.06
C SER A 278 9.90 -10.23 -10.22
N GLY A 279 10.31 -9.79 -11.40
CA GLY A 279 9.38 -9.61 -12.50
C GLY A 279 8.66 -8.29 -12.50
N LEU A 280 8.70 -7.54 -11.39
CA LEU A 280 7.93 -6.30 -11.32
C LEU A 280 8.46 -5.21 -12.27
N PRO A 281 9.76 -4.94 -12.36
CA PRO A 281 10.20 -3.88 -13.30
C PRO A 281 9.80 -4.16 -14.73
N GLU A 282 9.93 -5.41 -15.17
CA GLU A 282 9.56 -5.77 -16.54
C GLU A 282 8.07 -5.60 -16.77
N LEU A 283 7.25 -5.91 -15.77
CA LEU A 283 5.81 -5.68 -15.88
C LEU A 283 5.52 -4.18 -16.02
N LEU A 284 6.17 -3.36 -15.20
CA LEU A 284 5.92 -1.92 -15.20
C LEU A 284 6.38 -1.26 -16.50
N THR A 285 7.57 -1.61 -16.99
CA THR A 285 8.09 -0.93 -18.18
C THR A 285 7.30 -1.31 -19.43
N GLU A 286 6.83 -2.56 -19.52
CA GLU A 286 6.02 -2.98 -20.66
C GLU A 286 4.70 -2.24 -20.66
N LEU A 287 4.08 -2.08 -19.49
CA LEU A 287 2.79 -1.42 -19.40
C LEU A 287 2.91 0.07 -19.73
N THR A 288 3.85 0.76 -19.09
CA THR A 288 4.02 2.18 -19.38
C THR A 288 4.48 2.40 -20.80
N GLY A 289 5.31 1.51 -21.34
CA GLY A 289 5.78 1.67 -22.71
C GLY A 289 4.64 1.60 -23.71
N ARG A 290 3.65 0.74 -23.46
CA ARG A 290 2.51 0.68 -24.37
C ARG A 290 1.73 1.99 -24.37
N ALA A 291 1.57 2.61 -23.20
CA ALA A 291 0.85 3.86 -23.12
C ALA A 291 1.65 5.00 -23.74
N ILE A 292 2.97 4.98 -23.60
CA ILE A 292 3.76 6.04 -24.22
C ILE A 292 3.76 5.89 -25.73
N THR A 293 3.90 4.66 -26.23
CA THR A 293 3.80 4.42 -27.67
C THR A 293 2.48 4.94 -28.22
N ALA A 294 1.39 4.79 -27.46
CA ALA A 294 0.09 5.31 -27.83
C ALA A 294 -0.02 6.83 -27.69
N GLY A 295 1.05 7.52 -27.31
CA GLY A 295 1.04 8.97 -27.25
C GLY A 295 0.59 9.57 -25.94
N HIS A 296 0.56 8.81 -24.86
CA HIS A 296 0.06 9.32 -23.57
C HIS A 296 1.16 9.61 -22.58
N GLY A 297 2.36 9.95 -23.05
CA GLY A 297 3.49 10.14 -22.15
C GLY A 297 3.32 11.29 -21.18
N ASN A 298 2.43 12.23 -21.47
CA ASN A 298 2.20 13.35 -20.58
C ASN A 298 1.10 13.10 -19.56
N ASP A 299 0.51 11.91 -19.55
CA ASP A 299 -0.64 11.65 -18.70
C ASP A 299 -0.22 11.07 -17.34
N SER A 300 -1.19 10.99 -16.43
CA SER A 300 -0.92 10.41 -15.12
C SER A 300 -0.92 8.89 -15.18
N TYR A 301 -0.51 8.28 -14.05
CA TYR A 301 -0.53 6.82 -13.95
C TYR A 301 -1.93 6.27 -14.22
N ALA A 302 -2.95 7.06 -13.93
CA ALA A 302 -4.33 6.59 -14.08
C ALA A 302 -4.66 6.23 -15.54
N ARG A 303 -3.98 6.84 -16.52
CA ARG A 303 -4.21 6.46 -17.92
C ARG A 303 -3.98 4.97 -18.15
N LEU A 304 -3.11 4.34 -17.34
CA LEU A 304 -2.80 2.93 -17.56
C LEU A 304 -3.98 2.01 -17.31
N VAL A 305 -5.07 2.50 -16.70
CA VAL A 305 -6.27 1.66 -16.57
C VAL A 305 -6.78 1.25 -17.94
N GLU A 306 -6.58 2.09 -18.96
CA GLU A 306 -7.04 1.76 -20.30
C GLU A 306 -6.18 0.69 -20.97
N PHE A 307 -5.02 0.38 -20.40
CA PHE A 307 -4.10 -0.58 -20.98
C PHE A 307 -4.10 -1.90 -20.22
N ILE A 308 -5.00 -2.06 -19.24
CA ILE A 308 -5.26 -3.35 -18.62
C ILE A 308 -6.73 -3.74 -18.70
N ARG A 309 -7.60 -2.87 -19.17
CA ARG A 309 -9.02 -3.19 -19.31
C ARG A 309 -9.38 -3.28 -20.79
N GLY B 22 16.65 33.24 11.15
CA GLY B 22 16.97 32.77 9.81
C GLY B 22 18.43 32.48 9.60
N ALA B 23 18.73 31.31 9.03
CA ALA B 23 20.09 30.89 8.77
C ALA B 23 20.52 31.27 7.36
N LYS B 24 21.83 31.34 7.15
CA LYS B 24 22.40 31.62 5.84
C LYS B 24 22.49 30.31 5.06
N VAL B 25 21.90 30.28 3.88
CA VAL B 25 21.85 29.07 3.07
C VAL B 25 22.04 29.45 1.60
N THR B 26 22.82 28.64 0.88
CA THR B 26 23.03 28.81 -0.54
C THR B 26 22.38 27.65 -1.30
N VAL B 27 21.73 27.96 -2.42
CA VAL B 27 21.22 26.94 -3.33
C VAL B 27 21.98 27.03 -4.64
N LEU B 28 22.56 25.91 -5.07
CA LEU B 28 23.18 25.79 -6.39
C LEU B 28 22.23 25.00 -7.28
N GLY B 29 21.69 25.66 -8.30
CA GLY B 29 20.78 25.04 -9.23
C GLY B 29 19.41 25.66 -9.12
N LEU B 30 18.95 26.31 -10.18
CA LEU B 30 17.65 26.97 -10.18
C LEU B 30 16.78 26.45 -11.31
N GLY B 31 16.85 25.14 -11.58
CA GLY B 31 15.84 24.48 -12.36
C GLY B 31 14.53 24.52 -11.61
N PRO B 32 13.49 23.89 -12.15
CA PRO B 32 12.21 23.86 -11.43
C PRO B 32 12.35 23.42 -9.98
N MET B 33 13.09 22.35 -9.72
CA MET B 33 13.23 21.89 -8.33
C MET B 33 14.13 22.82 -7.53
N GLY B 34 15.28 23.19 -8.10
CA GLY B 34 16.17 24.09 -7.40
C GLY B 34 15.50 25.40 -7.04
N ALA B 35 14.76 25.99 -7.98
CA ALA B 35 14.04 27.23 -7.68
C ALA B 35 12.99 27.02 -6.60
N ALA B 36 12.39 25.84 -6.55
CA ALA B 36 11.42 25.53 -5.48
C ALA B 36 12.12 25.43 -4.13
N LEU B 37 13.30 24.81 -4.08
CA LEU B 37 14.03 24.74 -2.82
C LEU B 37 14.35 26.13 -2.30
N ALA B 38 14.83 27.00 -3.19
CA ALA B 38 15.19 28.36 -2.79
C ALA B 38 13.97 29.12 -2.25
N GLY B 39 12.82 28.96 -2.90
CA GLY B 39 11.63 29.66 -2.44
C GLY B 39 11.17 29.19 -1.08
N ALA B 40 11.32 27.90 -0.80
CA ALA B 40 10.95 27.38 0.52
C ALA B 40 11.84 27.93 1.61
N PHE B 41 13.15 28.01 1.37
CA PHE B 41 14.06 28.62 2.34
C PHE B 41 13.69 30.08 2.60
N LEU B 42 13.43 30.83 1.53
CA LEU B 42 13.04 32.22 1.69
C LEU B 42 11.76 32.36 2.51
N ALA B 43 10.78 31.50 2.23
CA ALA B 43 9.50 31.57 2.92
C ALA B 43 9.64 31.29 4.42
N ALA B 44 10.58 30.43 4.80
CA ALA B 44 10.85 30.16 6.21
C ALA B 44 11.69 31.25 6.85
N GLY B 45 12.15 32.23 6.07
CA GLY B 45 12.85 33.37 6.60
C GLY B 45 14.37 33.27 6.59
N HIS B 46 14.94 32.41 5.77
CA HIS B 46 16.39 32.22 5.76
C HIS B 46 17.05 33.19 4.79
N ARG B 47 18.32 33.51 5.06
CA ARG B 47 19.10 34.42 4.23
C ARG B 47 19.62 33.62 3.03
N THR B 48 18.92 33.72 1.90
CA THR B 48 19.10 32.77 0.81
C THR B 48 19.88 33.39 -0.33
N THR B 49 21.00 32.76 -0.67
CA THR B 49 21.82 33.10 -1.83
C THR B 49 21.60 32.04 -2.89
N VAL B 50 21.37 32.45 -4.14
CA VAL B 50 21.09 31.51 -5.21
C VAL B 50 22.06 31.74 -6.37
N TRP B 51 22.36 30.64 -7.08
CA TRP B 51 23.13 30.67 -8.31
C TRP B 51 22.56 29.64 -9.27
N ASN B 52 22.50 29.99 -10.55
CA ASN B 52 22.21 29.04 -11.61
C ASN B 52 23.22 29.24 -12.72
N GLU B 64 11.52 39.92 -4.60
CA GLU B 64 12.63 38.96 -4.78
C GLU B 64 13.58 39.04 -3.59
N GLY B 65 13.27 38.35 -2.48
CA GLY B 65 14.10 38.41 -1.26
C GLY B 65 15.40 37.62 -1.34
N ALA B 66 15.60 36.87 -2.42
CA ALA B 66 16.85 36.11 -2.59
C ALA B 66 17.96 36.98 -3.15
N THR B 67 19.19 36.67 -2.80
CA THR B 67 20.36 37.35 -3.37
C THR B 67 20.96 36.42 -4.43
N GLU B 68 20.88 36.84 -5.69
CA GLU B 68 21.41 36.03 -6.79
C GLU B 68 22.79 36.52 -7.19
N VAL B 69 23.75 35.61 -7.27
CA VAL B 69 25.11 35.92 -7.66
C VAL B 69 25.42 35.21 -8.97
N ALA B 70 26.43 35.73 -9.67
CA ALA B 70 26.72 35.25 -11.02
C ALA B 70 27.59 33.99 -11.04
N SER B 71 28.38 33.75 -9.99
CA SER B 71 29.30 32.63 -9.97
C SER B 71 29.00 31.71 -8.80
N ALA B 72 29.26 30.42 -8.99
CA ALA B 72 29.07 29.47 -7.90
C ALA B 72 30.10 29.68 -6.79
N ALA B 73 31.28 30.20 -7.13
CA ALA B 73 32.26 30.50 -6.09
C ALA B 73 31.73 31.54 -5.11
N GLU B 74 31.06 32.57 -5.63
CA GLU B 74 30.48 33.60 -4.77
C GLU B 74 29.31 33.04 -3.97
N ALA B 75 28.52 32.15 -4.57
CA ALA B 75 27.41 31.53 -3.84
C ALA B 75 27.92 30.68 -2.69
N VAL B 76 28.96 29.87 -2.93
CA VAL B 76 29.49 29.01 -1.89
C VAL B 76 30.10 29.83 -0.75
N ALA B 77 30.79 30.92 -1.07
CA ALA B 77 31.38 31.74 -0.03
C ALA B 77 30.33 32.43 0.83
N ALA B 78 29.10 32.55 0.36
CA ALA B 78 28.10 33.34 1.06
C ALA B 78 27.50 32.61 2.26
N SER B 79 27.59 31.28 2.33
CA SER B 79 26.83 30.53 3.31
C SER B 79 27.63 29.37 3.85
N PRO B 80 27.46 29.04 5.14
CA PRO B 80 28.09 27.82 5.68
C PRO B 80 27.40 26.55 5.24
N LEU B 81 26.16 26.65 4.75
CA LEU B 81 25.37 25.51 4.29
C LEU B 81 25.10 25.68 2.81
N VAL B 82 25.52 24.70 2.02
CA VAL B 82 25.40 24.76 0.56
C VAL B 82 24.50 23.59 0.12
N VAL B 83 23.32 23.92 -0.40
CA VAL B 83 22.34 22.92 -0.85
C VAL B 83 22.41 22.84 -2.36
N VAL B 84 22.72 21.65 -2.88
CA VAL B 84 23.00 21.45 -4.30
C VAL B 84 21.86 20.66 -4.92
N CYS B 85 21.35 21.14 -6.06
CA CYS B 85 20.26 20.45 -6.74
C CYS B 85 20.43 20.71 -8.24
N LEU B 86 21.30 19.91 -8.87
CA LEU B 86 21.60 20.02 -10.29
C LEU B 86 20.95 18.85 -11.04
N ALA B 87 21.11 18.86 -12.36
CA ALA B 87 20.44 17.85 -13.17
C ALA B 87 21.05 16.46 -12.96
N THR B 88 22.38 16.38 -12.85
CA THR B 88 23.08 15.11 -12.74
C THR B 88 24.24 15.29 -11.78
N TYR B 89 24.82 14.16 -11.37
CA TYR B 89 26.03 14.21 -10.57
C TYR B 89 27.23 14.63 -11.41
N GLU B 90 27.20 14.38 -12.71
CA GLU B 90 28.26 14.94 -13.56
C GLU B 90 28.26 16.45 -13.47
N ALA B 91 27.07 17.08 -13.48
CA ALA B 91 26.98 18.51 -13.26
C ALA B 91 27.52 18.90 -11.89
N VAL B 92 27.18 18.12 -10.86
CA VAL B 92 27.70 18.39 -9.52
C VAL B 92 29.21 18.49 -9.54
N HIS B 93 29.86 17.52 -10.20
CA HIS B 93 31.32 17.49 -10.20
C HIS B 93 31.90 18.63 -11.03
N GLU B 94 31.24 18.99 -12.13
CA GLU B 94 31.70 20.14 -12.91
C GLU B 94 31.62 21.42 -12.09
N VAL B 95 30.58 21.58 -11.28
CA VAL B 95 30.41 22.81 -10.51
C VAL B 95 31.32 22.83 -9.29
N LEU B 96 31.39 21.71 -8.57
CA LEU B 96 32.05 21.71 -7.26
C LEU B 96 33.55 21.48 -7.33
N ASP B 97 34.04 20.77 -8.35
CA ASP B 97 35.47 20.46 -8.43
C ASP B 97 36.38 21.69 -8.35
N PRO B 98 36.10 22.81 -9.03
CA PRO B 98 37.00 23.97 -8.90
C PRO B 98 36.89 24.67 -7.56
N LEU B 99 35.92 24.29 -6.72
CA LEU B 99 35.69 24.95 -5.44
C LEU B 99 36.12 24.09 -4.25
N ALA B 100 36.99 23.11 -4.48
CA ALA B 100 37.42 22.23 -3.40
C ALA B 100 38.03 23.00 -2.24
N ASP B 101 38.92 23.95 -2.52
CA ASP B 101 39.49 24.73 -1.44
C ASP B 101 38.43 25.59 -0.75
N GLU B 102 37.46 26.08 -1.51
CA GLU B 102 36.47 26.99 -0.95
C GLU B 102 35.40 26.29 -0.13
N LEU B 103 35.35 24.97 -0.16
CA LEU B 103 34.34 24.19 0.55
C LEU B 103 34.79 23.76 1.93
N ALA B 104 36.04 24.02 2.30
CA ALA B 104 36.53 23.62 3.61
C ALA B 104 35.68 24.26 4.70
N GLY B 105 35.27 23.43 5.66
CA GLY B 105 34.50 23.89 6.80
C GLY B 105 33.04 24.13 6.51
N ARG B 106 32.58 23.92 5.29
CA ARG B 106 31.19 24.11 4.96
C ARG B 106 30.45 22.78 4.94
N THR B 107 29.13 22.87 4.92
CA THR B 107 28.25 21.71 4.88
C THR B 107 27.58 21.67 3.52
N VAL B 108 27.69 20.54 2.83
CA VAL B 108 27.12 20.34 1.50
C VAL B 108 25.99 19.34 1.63
N VAL B 109 24.78 19.76 1.25
CA VAL B 109 23.62 18.90 1.19
C VAL B 109 23.28 18.71 -0.27
N ASN B 110 23.42 17.49 -0.79
CA ASN B 110 23.32 17.23 -2.22
C ASN B 110 22.02 16.48 -2.51
N LEU B 111 21.01 17.20 -3.02
CA LEU B 111 19.71 16.64 -3.35
C LEU B 111 19.58 16.28 -4.83
N THR B 112 20.68 16.29 -5.57
CA THR B 112 20.66 15.81 -6.95
C THR B 112 20.33 14.32 -6.98
N SER B 113 19.56 13.91 -7.99
CA SER B 113 19.26 12.49 -8.18
C SER B 113 20.41 11.78 -8.89
N GLY B 114 20.70 10.56 -8.45
CA GLY B 114 21.70 9.77 -9.14
C GLY B 114 21.93 8.44 -8.45
N SER B 115 23.06 7.82 -8.79
CA SER B 115 23.37 6.46 -8.39
C SER B 115 24.03 6.40 -7.02
N PRO B 116 23.94 5.24 -6.36
CA PRO B 116 24.59 5.12 -5.04
C PRO B 116 26.08 5.31 -5.12
N VAL B 117 26.73 4.77 -6.16
CA VAL B 117 28.18 4.94 -6.26
C VAL B 117 28.55 6.42 -6.46
N HIS B 118 27.73 7.16 -7.21
CA HIS B 118 28.05 8.58 -7.42
C HIS B 118 27.90 9.37 -6.12
N ALA B 119 26.91 9.03 -5.30
CA ALA B 119 26.79 9.65 -3.98
C ALA B 119 27.99 9.33 -3.13
N ARG B 120 28.45 8.08 -3.17
CA ARG B 120 29.58 7.69 -2.35
C ARG B 120 30.86 8.39 -2.81
N GLU B 121 31.07 8.45 -4.12
CA GLU B 121 32.29 9.09 -4.61
C GLU B 121 32.31 10.58 -4.28
N THR B 122 31.16 11.24 -4.42
CA THR B 122 31.05 12.64 -4.04
C THR B 122 31.32 12.83 -2.54
N ALA B 123 30.76 11.94 -1.70
CA ALA B 123 31.01 12.00 -0.27
C ALA B 123 32.50 11.89 0.05
N ASN B 124 33.17 10.92 -0.57
CA ASN B 124 34.60 10.76 -0.29
C ASN B 124 35.39 12.00 -0.69
N TRP B 125 35.05 12.58 -1.83
CA TRP B 125 35.71 13.82 -2.28
C TRP B 125 35.45 14.96 -1.29
N ALA B 126 34.19 15.07 -0.82
CA ALA B 126 33.90 16.13 0.14
C ALA B 126 34.68 15.95 1.43
N GLN B 127 34.80 14.70 1.91
CA GLN B 127 35.58 14.41 3.11
C GLN B 127 37.04 14.79 2.91
N GLN B 128 37.60 14.50 1.73
N GLN B 128 37.60 14.47 1.74
CA GLN B 128 39.00 14.83 1.44
CA GLN B 128 38.98 14.83 1.43
C GLN B 128 39.25 16.32 1.58
C GLN B 128 39.23 16.32 1.61
N HIS B 129 38.28 17.15 1.19
CA HIS B 129 38.44 18.59 1.20
C HIS B 129 37.80 19.24 2.41
N GLY B 130 37.34 18.44 3.38
CA GLY B 130 36.91 18.97 4.65
C GLY B 130 35.52 19.56 4.67
N ALA B 131 34.68 19.21 3.69
CA ALA B 131 33.27 19.58 3.72
C ALA B 131 32.48 18.46 4.34
N GLU B 132 31.55 18.82 5.22
CA GLU B 132 30.62 17.85 5.81
C GLU B 132 29.55 17.55 4.76
N TYR B 133 29.39 16.27 4.43
CA TYR B 133 28.56 15.89 3.28
C TYR B 133 27.35 15.08 3.69
N LEU B 134 26.20 15.52 3.21
CA LEU B 134 24.92 14.85 3.40
C LEU B 134 24.29 14.72 2.03
N ASP B 135 24.02 13.49 1.60
CA ASP B 135 23.34 13.24 0.34
C ASP B 135 21.87 13.01 0.63
N GLY B 136 21.02 13.45 -0.30
CA GLY B 136 19.60 13.30 -0.04
C GLY B 136 18.82 13.08 -1.32
N VAL B 137 17.57 12.65 -1.11
CA VAL B 137 16.63 12.49 -2.22
C VAL B 137 15.32 13.17 -1.84
N ILE B 138 14.68 13.75 -2.85
CA ILE B 138 13.44 14.49 -2.69
C ILE B 138 12.30 13.57 -3.13
N MET B 139 11.43 13.19 -2.19
CA MET B 139 10.33 12.27 -2.47
C MET B 139 9.05 13.03 -2.79
N THR B 140 9.17 14.13 -3.52
CA THR B 140 8.03 14.84 -4.07
C THR B 140 8.51 15.62 -5.30
N THR B 141 7.59 16.31 -5.93
CA THR B 141 7.85 17.17 -7.08
C THR B 141 7.96 18.61 -6.60
N PRO B 142 8.41 19.54 -7.47
CA PRO B 142 8.65 20.92 -7.00
C PRO B 142 7.46 21.57 -6.31
N SER B 143 6.23 21.35 -6.79
CA SER B 143 5.08 21.94 -6.12
C SER B 143 4.86 21.39 -4.72
N GLY B 144 5.44 20.25 -4.39
CA GLY B 144 5.34 19.71 -3.04
C GLY B 144 6.37 20.22 -2.06
N ILE B 145 7.41 20.91 -2.52
CA ILE B 145 8.41 21.48 -1.63
C ILE B 145 7.75 22.51 -0.74
N GLY B 146 8.05 22.45 0.55
CA GLY B 146 7.49 23.38 1.51
C GLY B 146 6.11 23.01 2.03
N LYS B 147 5.53 21.94 1.52
CA LYS B 147 4.21 21.46 1.90
C LYS B 147 4.32 20.37 2.97
N PRO B 148 3.22 20.06 3.65
CA PRO B 148 3.27 18.99 4.66
C PRO B 148 3.20 17.61 4.03
N ASP B 149 3.63 16.63 4.83
CA ASP B 149 3.50 15.20 4.54
C ASP B 149 4.32 14.75 3.34
N TYR B 150 5.30 15.53 2.90
CA TYR B 150 6.25 15.09 1.88
C TYR B 150 7.61 14.91 2.53
N LEU B 151 8.31 13.85 2.10
CA LEU B 151 9.57 13.43 2.72
C LEU B 151 10.76 13.86 1.89
N LEU B 152 11.80 14.29 2.58
CA LEU B 152 13.14 14.37 2.02
C LEU B 152 14.02 13.47 2.87
N LEU B 153 14.75 12.56 2.25
CA LEU B 153 15.52 11.55 2.97
C LEU B 153 16.99 11.87 2.81
N TYR B 154 17.75 11.81 3.90
CA TYR B 154 19.14 12.19 3.89
C TYR B 154 20.01 11.06 4.42
N SER B 155 21.24 10.98 3.93
CA SER B 155 22.19 10.00 4.45
C SER B 155 23.60 10.56 4.35
N GLY B 156 24.42 10.27 5.35
CA GLY B 156 25.74 10.84 5.40
C GLY B 156 26.07 11.41 6.76
N SER B 157 26.66 12.61 6.78
CA SER B 157 27.17 13.17 8.03
C SER B 157 26.05 13.39 9.03
N GLN B 158 26.15 12.72 10.18
CA GLN B 158 25.18 12.95 11.24
C GLN B 158 25.31 14.35 11.81
N ALA B 159 26.53 14.89 11.88
CA ALA B 159 26.70 16.25 12.36
C ALA B 159 26.08 17.26 11.40
N ALA B 160 26.18 16.99 10.09
CA ALA B 160 25.52 17.84 9.11
C ALA B 160 24.01 17.79 9.27
N PHE B 161 23.46 16.60 9.46
CA PHE B 161 22.01 16.48 9.60
C PHE B 161 21.55 17.18 10.88
N ASP B 162 22.20 16.90 12.01
CA ASP B 162 21.71 17.47 13.25
C ASP B 162 21.88 18.98 13.28
N GLY B 163 22.95 19.49 12.66
CA GLY B 163 23.18 20.93 12.67
C GLY B 163 22.28 21.68 11.70
N SER B 164 21.86 21.02 10.61
CA SER B 164 21.11 21.67 9.55
C SER B 164 19.64 21.28 9.52
N ARG B 165 19.19 20.42 10.42
CA ARG B 165 17.81 19.93 10.35
C ARG B 165 16.81 21.07 10.43
N GLY B 166 17.05 22.04 11.31
CA GLY B 166 16.13 23.15 11.46
C GLY B 166 15.94 23.94 10.19
N THR B 167 17.02 24.19 9.45
CA THR B 167 16.92 24.88 8.17
C THR B 167 16.29 23.96 7.11
N LEU B 168 16.68 22.69 7.09
CA LEU B 168 16.17 21.76 6.09
C LEU B 168 14.67 21.52 6.25
N CYS B 169 14.13 21.72 7.44
CA CYS B 169 12.68 21.58 7.65
C CYS B 169 11.87 22.51 6.75
N ALA B 170 12.49 23.58 6.24
CA ALA B 170 11.80 24.49 5.32
C ALA B 170 11.36 23.78 4.05
N LEU B 171 12.04 22.70 3.68
CA LEU B 171 11.75 21.99 2.43
C LEU B 171 10.67 20.93 2.57
N GLY B 172 10.50 20.39 3.76
CA GLY B 172 9.64 19.24 3.99
C GLY B 172 10.18 18.45 5.15
N GLU B 173 9.50 17.33 5.43
CA GLU B 173 9.85 16.50 6.58
C GLU B 173 11.17 15.76 6.35
N PRO B 174 12.24 16.09 7.07
CA PRO B 174 13.52 15.40 6.87
C PRO B 174 13.63 14.11 7.68
N MET B 175 14.16 13.08 7.03
CA MET B 175 14.48 11.82 7.70
C MET B 175 15.96 11.50 7.52
N ASN B 176 16.62 11.13 8.61
CA ASN B 176 18.03 10.73 8.59
C ASN B 176 18.07 9.21 8.46
N LEU B 177 18.52 8.73 7.31
CA LEU B 177 18.57 7.29 7.03
C LEU B 177 19.78 6.61 7.65
N GLY B 178 20.83 7.36 7.96
CA GLY B 178 22.00 6.76 8.52
C GLY B 178 23.23 7.44 7.98
N THR B 179 24.38 6.80 8.22
CA THR B 179 25.67 7.45 8.02
C THR B 179 26.28 7.19 6.65
N ASP B 180 25.78 6.22 5.90
CA ASP B 180 26.33 5.85 4.59
C ASP B 180 25.68 6.75 3.53
N ALA B 181 26.47 7.64 2.93
CA ALA B 181 25.92 8.65 2.02
C ALA B 181 25.12 8.07 0.88
N ALA B 182 25.44 6.83 0.45
CA ALA B 182 24.78 6.23 -0.69
C ALA B 182 23.37 5.72 -0.37
N MET B 183 22.96 5.71 0.90
CA MET B 183 21.68 5.09 1.26
C MET B 183 20.51 5.78 0.59
N ALA B 184 20.52 7.12 0.52
CA ALA B 184 19.34 7.84 0.04
C ALA B 184 18.97 7.44 -1.39
N SER B 185 19.97 7.31 -2.27
CA SER B 185 19.75 6.87 -3.66
C SER B 185 19.05 5.51 -3.69
N VAL B 186 19.52 4.56 -2.88
CA VAL B 186 18.90 3.24 -2.86
C VAL B 186 17.48 3.31 -2.31
N TYR B 187 17.27 4.09 -1.25
CA TYR B 187 15.93 4.24 -0.70
C TYR B 187 14.95 4.80 -1.73
N ASP B 188 15.38 5.83 -2.48
CA ASP B 188 14.47 6.40 -3.49
C ASP B 188 14.00 5.32 -4.46
N THR B 189 14.95 4.51 -4.95
CA THR B 189 14.62 3.49 -5.94
C THR B 189 13.70 2.43 -5.33
N ALA B 190 14.00 1.98 -4.11
CA ALA B 190 13.18 0.97 -3.44
C ALA B 190 11.79 1.50 -3.13
N LEU B 191 11.68 2.77 -2.73
CA LEU B 191 10.39 3.34 -2.38
C LEU B 191 9.54 3.56 -3.62
N LEU B 192 10.16 3.91 -4.75
CA LEU B 192 9.38 4.01 -5.98
C LEU B 192 8.86 2.64 -6.42
N GLY B 193 9.68 1.60 -6.28
CA GLY B 193 9.20 0.25 -6.55
C GLY B 193 7.98 -0.10 -5.70
N LEU B 194 8.01 0.29 -4.44
CA LEU B 194 6.87 0.06 -3.54
C LEU B 194 5.64 0.83 -4.04
N MET B 195 5.83 2.11 -4.40
CA MET B 195 4.76 2.91 -4.98
C MET B 195 4.17 2.25 -6.21
N TRP B 196 5.03 1.75 -7.11
CA TRP B 196 4.50 1.17 -8.35
C TRP B 196 3.78 -0.15 -8.09
N GLY B 197 4.26 -0.96 -7.14
CA GLY B 197 3.50 -2.15 -6.78
C GLY B 197 2.13 -1.79 -6.24
N THR B 198 2.09 -0.82 -5.34
CA THR B 198 0.80 -0.37 -4.78
C THR B 198 -0.11 0.14 -5.88
N LEU B 199 0.40 1.06 -6.71
CA LEU B 199 -0.47 1.72 -7.70
C LEU B 199 -0.91 0.77 -8.79
N THR B 200 -0.10 -0.24 -9.10
CA THR B 200 -0.50 -1.22 -10.09
C THR B 200 -1.57 -2.16 -9.53
N GLY B 201 -1.44 -2.59 -8.26
CA GLY B 201 -2.51 -3.34 -7.63
C GLY B 201 -3.76 -2.51 -7.47
N TRP B 202 -3.60 -1.21 -7.24
CA TRP B 202 -4.74 -0.30 -7.20
C TRP B 202 -5.44 -0.24 -8.57
N LEU B 203 -4.66 -0.05 -9.64
CA LEU B 203 -5.23 -0.03 -11.00
C LEU B 203 -5.96 -1.33 -11.31
N HIS B 204 -5.35 -2.46 -10.95
CA HIS B 204 -6.00 -3.75 -11.15
C HIS B 204 -7.33 -3.80 -10.42
N GLY B 205 -7.36 -3.37 -9.15
CA GLY B 205 -8.60 -3.34 -8.39
C GLY B 205 -9.64 -2.39 -8.97
N VAL B 206 -9.21 -1.20 -9.40
CA VAL B 206 -10.12 -0.26 -10.06
C VAL B 206 -10.76 -0.90 -11.28
N ALA B 207 -9.96 -1.60 -12.08
CA ALA B 207 -10.49 -2.19 -13.31
C ALA B 207 -11.42 -3.34 -13.00
N LEU B 208 -11.09 -4.13 -11.97
CA LEU B 208 -11.99 -5.22 -11.58
C LEU B 208 -13.33 -4.69 -11.07
N MET B 209 -13.30 -3.62 -10.26
CA MET B 209 -14.52 -3.03 -9.71
C MET B 209 -15.36 -2.34 -10.77
N GLY B 210 -14.72 -1.74 -11.77
CA GLY B 210 -15.44 -1.01 -12.81
C GLY B 210 -16.10 -1.86 -13.87
N ALA B 211 -15.68 -3.12 -14.02
CA ALA B 211 -16.14 -3.97 -15.09
C ALA B 211 -17.61 -4.34 -14.92
N ASP B 212 -18.26 -4.68 -16.04
CA ASP B 212 -19.60 -5.22 -16.00
C ASP B 212 -19.61 -6.57 -15.27
N GLY B 213 -20.75 -6.88 -14.68
CA GLY B 213 -20.92 -8.12 -13.96
C GLY B 213 -21.53 -7.88 -12.61
N PRO B 214 -22.04 -8.94 -11.98
CA PRO B 214 -22.65 -8.80 -10.65
C PRO B 214 -21.62 -8.22 -9.68
N GLY B 215 -22.04 -7.18 -8.96
CA GLY B 215 -21.17 -6.53 -8.00
C GLY B 215 -20.22 -5.53 -8.61
N GLY B 216 -20.32 -5.28 -9.90
CA GLY B 216 -19.40 -4.43 -10.61
C GLY B 216 -19.98 -3.06 -10.91
N ASN B 217 -19.42 -2.42 -11.94
CA ASN B 217 -19.82 -1.06 -12.31
C ASN B 217 -19.68 -0.11 -11.13
N VAL B 218 -18.64 -0.30 -10.31
CA VAL B 218 -18.31 0.57 -9.17
C VAL B 218 -17.27 1.59 -9.59
N THR B 219 -17.46 2.85 -9.19
CA THR B 219 -16.51 3.87 -9.61
C THR B 219 -15.16 3.69 -8.93
N ALA B 220 -14.13 4.23 -9.59
CA ALA B 220 -12.80 4.25 -8.98
C ALA B 220 -12.81 5.02 -7.68
N THR B 221 -13.57 6.13 -7.63
CA THR B 221 -13.59 6.93 -6.41
C THR B 221 -14.22 6.17 -5.25
N ALA B 222 -15.33 5.47 -5.50
CA ALA B 222 -15.92 4.69 -4.42
C ALA B 222 -15.00 3.55 -3.98
N PHE B 223 -14.38 2.85 -4.94
CA PHE B 223 -13.43 1.80 -4.57
C PHE B 223 -12.30 2.38 -3.74
N THR B 224 -11.78 3.54 -4.12
CA THR B 224 -10.60 4.08 -3.44
C THR B 224 -10.93 4.52 -2.01
N GLU B 225 -12.17 4.97 -1.75
CA GLU B 225 -12.59 5.25 -0.38
C GLU B 225 -12.40 4.04 0.51
N VAL B 226 -12.78 2.86 0.03
CA VAL B 226 -12.61 1.64 0.81
C VAL B 226 -11.13 1.24 0.83
N ALA B 227 -10.47 1.34 -0.33
CA ALA B 227 -9.04 1.02 -0.40
C ALA B 227 -8.23 1.83 0.60
N ASN B 228 -8.55 3.12 0.78
CA ASN B 228 -7.84 3.97 1.73
C ASN B 228 -7.87 3.35 3.13
N ARG B 229 -9.05 2.87 3.55
CA ARG B 229 -9.17 2.24 4.86
C ARG B 229 -8.41 0.92 4.92
N TRP B 230 -8.46 0.16 3.83
CA TRP B 230 -7.82 -1.15 3.76
C TRP B 230 -6.31 -1.06 3.85
N MET B 231 -5.72 0.03 3.32
CA MET B 231 -4.28 0.17 3.35
C MET B 231 -3.74 0.18 4.77
N LYS B 232 -4.54 0.57 5.76
CA LYS B 232 -4.08 0.47 7.14
C LYS B 232 -3.79 -0.98 7.50
N THR B 233 -4.64 -1.90 7.05
CA THR B 233 -4.41 -3.33 7.27
C THR B 233 -3.21 -3.83 6.47
N VAL B 234 -3.07 -3.40 5.22
CA VAL B 234 -1.89 -3.77 4.46
C VAL B 234 -0.63 -3.31 5.19
N GLY B 235 -0.69 -2.14 5.83
CA GLY B 235 0.43 -1.67 6.61
C GLY B 235 0.76 -2.53 7.81
N VAL B 236 -0.27 -3.10 8.45
CA VAL B 236 -0.05 -4.08 9.50
C VAL B 236 0.77 -5.25 8.96
N PHE B 237 0.39 -5.76 7.78
CA PHE B 237 1.09 -6.90 7.18
C PHE B 237 2.57 -6.59 6.95
N MET B 238 2.89 -5.39 6.43
CA MET B 238 4.29 -5.05 6.17
C MET B 238 5.08 -4.93 7.47
N ASN B 239 4.44 -4.43 8.53
CA ASN B 239 5.15 -4.32 9.80
C ASN B 239 5.25 -5.66 10.52
N THR B 240 4.35 -6.59 10.21
CA THR B 240 4.47 -7.95 10.75
C THR B 240 5.58 -8.71 10.04
N TYR B 241 5.72 -8.50 8.74
CA TYR B 241 6.61 -9.33 7.94
C TYR B 241 8.05 -8.84 7.89
N ALA B 242 8.31 -7.55 8.13
CA ALA B 242 9.70 -7.08 8.16
C ALA B 242 10.54 -7.84 9.19
N PRO B 243 10.09 -8.05 10.43
CA PRO B 243 10.89 -8.87 11.35
C PRO B 243 11.15 -10.28 10.83
N HIS B 244 10.20 -10.86 10.08
CA HIS B 244 10.40 -12.19 9.53
C HIS B 244 11.60 -12.22 8.61
N VAL B 245 11.69 -11.23 7.73
CA VAL B 245 12.81 -11.14 6.81
C VAL B 245 14.12 -11.03 7.59
N ASP B 246 14.15 -10.13 8.58
CA ASP B 246 15.39 -9.89 9.31
C ASP B 246 15.80 -11.08 10.15
N ALA B 247 14.85 -11.92 10.56
CA ALA B 247 15.13 -13.10 11.36
C ALA B 247 15.37 -14.35 10.51
N GLY B 248 15.00 -14.32 9.24
CA GLY B 248 15.04 -15.54 8.44
C GLY B 248 14.06 -16.59 8.92
N HIS B 249 12.97 -16.18 9.57
CA HIS B 249 11.97 -17.10 10.11
C HIS B 249 10.58 -16.55 9.77
N TYR B 250 9.77 -17.34 9.09
CA TYR B 250 8.58 -16.84 8.41
C TYR B 250 7.34 -17.63 8.83
N PRO B 251 6.90 -17.49 10.08
CA PRO B 251 5.72 -18.25 10.53
C PRO B 251 4.46 -17.74 9.85
N GLY B 252 3.72 -18.66 9.24
CA GLY B 252 2.53 -18.27 8.49
C GLY B 252 1.33 -17.91 9.34
N ASP B 253 1.21 -18.51 10.52
CA ASP B 253 0.08 -18.26 11.40
C ASP B 253 -1.23 -18.42 10.65
N GLU B 254 -2.04 -17.36 10.59
CA GLU B 254 -3.38 -17.47 10.02
C GLU B 254 -3.47 -17.06 8.55
N PHE B 255 -2.34 -16.72 7.89
CA PHE B 255 -2.36 -16.38 6.46
C PHE B 255 -1.10 -16.97 5.82
N THR B 256 -1.17 -18.26 5.48
CA THR B 256 -0.03 -18.96 4.91
C THR B 256 0.05 -18.75 3.40
N LEU B 257 1.21 -19.11 2.84
CA LEU B 257 1.38 -19.05 1.40
C LEU B 257 0.41 -19.98 0.66
N HIS B 258 -0.01 -21.08 1.30
CA HIS B 258 -1.08 -21.89 0.74
C HIS B 258 -2.34 -21.06 0.52
N LEU B 259 -2.70 -20.26 1.53
CA LEU B 259 -3.89 -19.41 1.39
C LEU B 259 -3.66 -18.31 0.38
N HIS B 260 -2.46 -17.74 0.34
CA HIS B 260 -2.16 -16.74 -0.68
C HIS B 260 -2.41 -17.31 -2.07
N HIS B 261 -1.85 -18.50 -2.33
CA HIS B 261 -1.90 -19.08 -3.67
C HIS B 261 -3.34 -19.40 -4.06
N ARG B 262 -4.10 -19.95 -3.14
CA ARG B 262 -5.50 -20.25 -3.39
C ARG B 262 -6.28 -19.00 -3.77
N THR B 263 -6.14 -17.94 -2.98
CA THR B 263 -6.90 -16.73 -3.26
C THR B 263 -6.34 -15.98 -4.47
N MET B 264 -5.03 -16.11 -4.75
CA MET B 264 -4.49 -15.57 -5.98
C MET B 264 -5.08 -16.24 -7.21
N ASN B 265 -5.37 -17.53 -7.12
CA ASN B 265 -6.00 -18.21 -8.24
C ASN B 265 -7.42 -17.69 -8.46
N ILE B 266 -8.12 -17.37 -7.38
CA ILE B 266 -9.42 -16.72 -7.50
C ILE B 266 -9.28 -15.37 -8.18
N LEU B 267 -8.28 -14.58 -7.77
CA LEU B 267 -8.06 -13.29 -8.43
C LEU B 267 -7.85 -13.47 -9.92
N ALA B 268 -7.02 -14.44 -10.31
CA ALA B 268 -6.73 -14.67 -11.73
C ALA B 268 -7.99 -15.04 -12.50
N HIS B 269 -8.80 -15.95 -11.95
CA HIS B 269 -10.05 -16.34 -12.59
C HIS B 269 -11.00 -15.17 -12.71
N ALA B 270 -11.20 -14.44 -11.60
CA ALA B 270 -12.08 -13.28 -11.62
C ALA B 270 -11.62 -12.25 -12.64
N SER B 271 -10.31 -11.99 -12.70
CA SER B 271 -9.81 -10.99 -13.64
C SER B 271 -10.03 -11.42 -15.08
N GLU B 272 -9.88 -12.71 -15.36
CA GLU B 272 -10.12 -13.19 -16.72
C GLU B 272 -11.60 -13.05 -17.08
N LEU B 273 -12.49 -13.38 -16.14
CA LEU B 273 -13.92 -13.24 -16.40
C LEU B 273 -14.31 -11.80 -16.68
N ARG B 274 -13.72 -10.84 -15.95
CA ARG B 274 -14.07 -9.44 -16.06
C ARG B 274 -13.17 -8.67 -17.03
N GLY B 275 -12.28 -9.34 -17.75
CA GLY B 275 -11.50 -8.68 -18.78
C GLY B 275 -10.35 -7.83 -18.31
N VAL B 276 -9.82 -8.10 -17.13
CA VAL B 276 -8.71 -7.34 -16.57
C VAL B 276 -7.42 -8.11 -16.86
N VAL B 277 -6.52 -7.49 -17.61
CA VAL B 277 -5.31 -8.16 -18.10
C VAL B 277 -4.14 -7.23 -17.74
N SER B 278 -3.56 -7.46 -16.56
CA SER B 278 -2.46 -6.66 -16.06
C SER B 278 -1.17 -7.43 -15.86
N GLY B 279 -1.22 -8.75 -15.86
CA GLY B 279 -0.03 -9.55 -15.59
C GLY B 279 0.26 -9.74 -14.14
N LEU B 280 -0.37 -8.98 -13.24
CA LEU B 280 -0.13 -9.16 -11.82
C LEU B 280 -0.55 -10.53 -11.31
N PRO B 281 -1.72 -11.06 -11.64
CA PRO B 281 -2.05 -12.40 -11.10
C PRO B 281 -1.06 -13.46 -11.55
N GLU B 282 -0.60 -13.38 -12.80
CA GLU B 282 0.32 -14.38 -13.31
C GLU B 282 1.66 -14.29 -12.58
N LEU B 283 2.09 -13.07 -12.24
CA LEU B 283 3.32 -12.90 -11.47
C LEU B 283 3.17 -13.49 -10.07
N LEU B 284 2.02 -13.24 -9.43
CA LEU B 284 1.82 -13.65 -8.05
C LEU B 284 1.73 -15.16 -7.93
N THR B 285 0.98 -15.81 -8.83
CA THR B 285 0.80 -17.25 -8.74
C THR B 285 2.08 -18.00 -9.05
N GLU B 286 2.92 -17.46 -9.94
CA GLU B 286 4.19 -18.11 -10.24
C GLU B 286 5.14 -18.02 -9.05
N LEU B 287 5.23 -16.84 -8.43
CA LEU B 287 6.16 -16.63 -7.33
C LEU B 287 5.76 -17.46 -6.10
N THR B 288 4.48 -17.43 -5.74
CA THR B 288 4.03 -18.22 -4.60
C THR B 288 4.11 -19.71 -4.91
N GLY B 289 3.83 -20.09 -6.16
CA GLY B 289 3.93 -21.50 -6.53
C GLY B 289 5.32 -22.06 -6.35
N ARG B 290 6.35 -21.24 -6.63
CA ARG B 290 7.72 -21.72 -6.46
C ARG B 290 8.06 -21.95 -4.98
N ALA B 291 7.55 -21.08 -4.10
CA ALA B 291 7.79 -21.28 -2.67
C ALA B 291 7.05 -22.52 -2.16
N ILE B 292 5.85 -22.75 -2.69
CA ILE B 292 5.06 -23.89 -2.25
C ILE B 292 5.67 -25.19 -2.78
N THR B 293 6.15 -25.18 -4.02
CA THR B 293 6.89 -26.32 -4.54
C THR B 293 8.13 -26.61 -3.69
N ALA B 294 8.74 -25.56 -3.16
CA ALA B 294 9.94 -25.72 -2.34
C ALA B 294 9.63 -26.21 -0.93
N GLY B 295 8.36 -26.29 -0.54
CA GLY B 295 7.99 -26.84 0.74
C GLY B 295 7.61 -25.84 1.81
N HIS B 296 7.48 -24.56 1.48
CA HIS B 296 7.22 -23.52 2.47
C HIS B 296 5.77 -23.04 2.44
N GLY B 297 4.84 -23.91 2.05
CA GLY B 297 3.44 -23.51 1.94
C GLY B 297 2.82 -22.98 3.22
N ASN B 298 3.33 -23.38 4.37
CA ASN B 298 2.77 -22.94 5.65
C ASN B 298 3.42 -21.65 6.15
N ASP B 299 4.33 -21.06 5.39
CA ASP B 299 5.05 -19.87 5.81
C ASP B 299 4.27 -18.61 5.44
N SER B 300 4.72 -17.48 5.99
CA SER B 300 4.17 -16.18 5.68
C SER B 300 4.67 -15.69 4.31
N TYR B 301 4.10 -14.56 3.88
CA TYR B 301 4.48 -13.93 2.62
C TYR B 301 5.95 -13.52 2.63
N ALA B 302 6.50 -13.25 3.82
CA ALA B 302 7.89 -12.83 3.91
C ALA B 302 8.85 -13.89 3.38
N ARG B 303 8.46 -15.17 3.36
CA ARG B 303 9.34 -16.19 2.82
C ARG B 303 9.71 -15.91 1.37
N LEU B 304 8.79 -15.29 0.61
CA LEU B 304 9.02 -15.00 -0.80
C LEU B 304 10.23 -14.10 -1.05
N VAL B 305 10.78 -13.44 -0.04
CA VAL B 305 11.98 -12.64 -0.29
C VAL B 305 13.12 -13.54 -0.74
N GLU B 306 13.14 -14.79 -0.29
CA GLU B 306 14.18 -15.73 -0.71
C GLU B 306 14.03 -16.16 -2.15
N PHE B 307 12.90 -15.85 -2.79
CA PHE B 307 12.62 -16.31 -4.14
C PHE B 307 12.71 -15.18 -5.15
N ILE B 308 13.14 -14.00 -4.73
CA ILE B 308 13.45 -12.91 -5.64
C ILE B 308 14.86 -12.39 -5.46
N ARG B 309 15.61 -12.91 -4.49
CA ARG B 309 16.97 -12.46 -4.26
C ARG B 309 17.97 -13.58 -4.51
#